data_1TKJ
#
_entry.id   1TKJ
#
_cell.length_a   60.962
_cell.length_b   60.962
_cell.length_c   144.705
_cell.angle_alpha   90.00
_cell.angle_beta   90.00
_cell.angle_gamma   90.00
#
_symmetry.space_group_name_H-M   'P 41 21 2'
#
loop_
_entity.id
_entity.type
_entity.pdbx_description
1 polymer Aminopeptidase
2 non-polymer 'ZINC ION'
3 non-polymer 'CALCIUM ION'
4 non-polymer D-METHIONINE
5 water water
#
_entity_poly.entity_id   1
_entity_poly.type   'polypeptide(L)'
_entity_poly.pdbx_seq_one_letter_code
;APDIPLANVKAHLTQLSTIAANNGGNRAHGRPGYKASVDYVKAKLDAAGYTTTLQQFTSGGATGYNLIANWPGGDPNKVL
MAGAHLDSVSSGAGINDNGSGSAAVLETALAVSRAGYQPDKHLRFAWWGAEELGLIGSKFYVNNLPSADRSKLAGYLNFD
MIGSPNPGYFVYDDDPVIEKTFKNYFAGLNVPTEIETEGDGRSDHAPFKNVGVPVGGLFTGAGYTKSAAQAQKWGGTAGQ
AFDRCYHSSCDSLSNINDTALDRNSDAAAHAIWTLSSGTGEPPT
;
_entity_poly.pdbx_strand_id   A
#
loop_
_chem_comp.id
_chem_comp.type
_chem_comp.name
_chem_comp.formula
CA non-polymer 'CALCIUM ION' 'Ca 2'
ZN non-polymer 'ZINC ION' 'Zn 2'
#
# COMPACT_ATOMS: atom_id res chain seq x y z
N ALA A 1 -13.43 9.47 9.55
CA ALA A 1 -13.16 8.36 8.63
C ALA A 1 -13.83 7.13 9.23
N PRO A 2 -14.22 6.17 8.42
CA PRO A 2 -14.75 4.94 8.97
C PRO A 2 -13.61 4.09 9.52
N ASP A 3 -14.05 3.20 10.40
N ASP A 3 -13.92 3.13 10.39
CA ASP A 3 -13.15 2.10 10.69
CA ASP A 3 -13.04 2.07 10.88
C ASP A 3 -13.04 1.25 9.43
C ASP A 3 -13.01 0.93 9.86
N ILE A 4 -11.87 0.70 9.20
CA ILE A 4 -11.76 -0.31 8.15
C ILE A 4 -11.91 -1.69 8.77
N PRO A 5 -12.88 -2.50 8.28
CA PRO A 5 -13.05 -3.81 8.93
C PRO A 5 -11.88 -4.74 8.62
N LEU A 6 -11.18 -5.16 9.67
CA LEU A 6 -10.05 -6.06 9.51
C LEU A 6 -10.43 -7.28 8.72
N ALA A 7 -11.62 -7.86 8.96
CA ALA A 7 -12.01 -9.09 8.29
C ALA A 7 -12.04 -8.86 6.78
N ASN A 8 -12.45 -7.66 6.35
CA ASN A 8 -12.52 -7.41 4.90
C ASN A 8 -11.12 -7.35 4.28
N VAL A 9 -10.19 -6.73 5.01
CA VAL A 9 -8.80 -6.67 4.54
C VAL A 9 -8.23 -8.10 4.45
N LYS A 10 -8.43 -8.89 5.48
CA LYS A 10 -8.00 -10.29 5.50
C LYS A 10 -8.59 -11.06 4.34
N ALA A 11 -9.84 -10.79 3.97
CA ALA A 11 -10.47 -11.53 2.88
C ALA A 11 -9.78 -11.19 1.59
N HIS A 12 -9.35 -9.94 1.37
CA HIS A 12 -8.59 -9.66 0.16
C HIS A 12 -7.28 -10.49 0.15
N LEU A 13 -6.65 -10.58 1.32
CA LEU A 13 -5.42 -11.37 1.40
C LEU A 13 -5.71 -12.82 1.07
N THR A 14 -6.80 -13.39 1.55
CA THR A 14 -7.14 -14.78 1.19
C THR A 14 -7.29 -14.94 -0.30
N GLN A 15 -7.97 -13.95 -0.95
CA GLN A 15 -8.12 -14.04 -2.41
C GLN A 15 -6.76 -13.96 -3.09
N LEU A 16 -5.86 -13.08 -2.66
CA LEU A 16 -4.51 -13.02 -3.28
C LEU A 16 -3.75 -14.31 -3.02
N SER A 17 -3.91 -14.93 -1.87
CA SER A 17 -3.26 -16.21 -1.60
C SER A 17 -3.75 -17.30 -2.56
N THR A 18 -5.06 -17.34 -2.75
CA THR A 18 -5.60 -18.32 -3.69
C THR A 18 -5.15 -18.06 -5.12
N ILE A 19 -5.11 -16.74 -5.50
CA ILE A 19 -4.59 -16.41 -6.81
C ILE A 19 -3.18 -16.90 -6.96
N ALA A 20 -2.30 -16.71 -5.95
CA ALA A 20 -0.94 -17.24 -6.09
C ALA A 20 -0.93 -18.73 -6.27
N ALA A 21 -1.74 -19.44 -5.42
CA ALA A 21 -1.76 -20.89 -5.53
C ALA A 21 -2.22 -21.42 -6.89
N ASN A 22 -3.16 -20.68 -7.48
CA ASN A 22 -3.73 -21.09 -8.77
C ASN A 22 -2.80 -20.72 -9.90
N ASN A 23 -1.71 -19.98 -9.62
CA ASN A 23 -0.84 -19.44 -10.67
C ASN A 23 0.62 -19.63 -10.31
N GLY A 24 0.96 -20.88 -10.01
CA GLY A 24 2.37 -21.22 -9.97
C GLY A 24 3.01 -20.83 -8.67
N GLY A 25 2.25 -20.33 -7.66
CA GLY A 25 2.81 -20.00 -6.36
C GLY A 25 3.21 -18.56 -6.17
N ASN A 26 2.95 -17.66 -7.12
CA ASN A 26 3.40 -16.28 -6.95
C ASN A 26 2.46 -15.33 -7.66
N ARG A 27 2.74 -14.05 -7.43
CA ARG A 27 2.02 -12.97 -8.09
C ARG A 27 3.00 -12.01 -8.70
N ALA A 28 4.05 -12.55 -9.40
CA ALA A 28 5.18 -11.75 -9.85
C ALA A 28 4.96 -11.16 -11.25
N HIS A 29 5.61 -10.02 -11.51
CA HIS A 29 5.64 -9.41 -12.80
C HIS A 29 5.95 -10.43 -13.92
N GLY A 30 5.17 -10.36 -14.98
CA GLY A 30 5.42 -11.23 -16.14
C GLY A 30 4.84 -12.62 -15.95
N ARG A 31 4.17 -12.89 -14.84
CA ARG A 31 3.65 -14.20 -14.48
C ARG A 31 2.14 -14.06 -14.28
N PRO A 32 1.36 -15.09 -14.58
CA PRO A 32 -0.08 -14.92 -14.58
C PRO A 32 -0.68 -14.55 -13.22
N GLY A 33 -0.02 -14.86 -12.11
CA GLY A 33 -0.56 -14.46 -10.80
C GLY A 33 -0.64 -12.95 -10.66
N TYR A 34 0.19 -12.18 -11.35
CA TYR A 34 0.12 -10.71 -11.21
C TYR A 34 -1.11 -10.17 -11.91
N LYS A 35 -1.29 -10.49 -13.17
CA LYS A 35 -2.48 -9.99 -13.87
C LYS A 35 -3.76 -10.48 -13.20
N ALA A 36 -3.78 -11.71 -12.65
CA ALA A 36 -4.97 -12.18 -11.95
C ALA A 36 -5.23 -11.34 -10.69
N SER A 37 -4.16 -10.89 -10.04
CA SER A 37 -4.32 -9.99 -8.87
C SER A 37 -4.93 -8.68 -9.32
N VAL A 38 -4.41 -8.12 -10.39
CA VAL A 38 -4.96 -6.90 -10.98
C VAL A 38 -6.43 -7.04 -11.25
N ASP A 39 -6.80 -8.17 -11.90
CA ASP A 39 -8.22 -8.36 -12.28
C ASP A 39 -9.14 -8.42 -11.05
N TYR A 40 -8.69 -9.07 -10.00
CA TYR A 40 -9.49 -9.11 -8.77
C TYR A 40 -9.73 -7.71 -8.22
N VAL A 41 -8.66 -6.93 -8.06
CA VAL A 41 -8.77 -5.60 -7.46
C VAL A 41 -9.63 -4.69 -8.35
N LYS A 42 -9.38 -4.75 -9.67
CA LYS A 42 -10.15 -3.91 -10.58
C LYS A 42 -11.62 -4.19 -10.54
N ALA A 43 -12.03 -5.46 -10.48
CA ALA A 43 -13.44 -5.79 -10.47
C ALA A 43 -14.12 -5.24 -9.25
N LYS A 44 -13.47 -5.30 -8.07
CA LYS A 44 -14.05 -4.71 -6.88
C LYS A 44 -14.24 -3.22 -7.05
N LEU A 45 -13.24 -2.53 -7.57
CA LEU A 45 -13.33 -1.09 -7.74
C LEU A 45 -14.38 -0.68 -8.77
N ASP A 46 -14.44 -1.40 -9.87
CA ASP A 46 -15.43 -1.08 -10.91
C ASP A 46 -16.82 -1.21 -10.33
N ALA A 47 -17.09 -2.26 -9.54
CA ALA A 47 -18.41 -2.45 -8.98
C ALA A 47 -18.80 -1.38 -7.97
N ALA A 48 -17.80 -0.76 -7.33
CA ALA A 48 -18.01 0.27 -6.33
C ALA A 48 -18.15 1.65 -6.96
N GLY A 49 -17.94 1.81 -8.28
CA GLY A 49 -18.20 3.09 -8.94
C GLY A 49 -16.91 3.80 -9.36
N TYR A 50 -15.74 3.23 -9.17
CA TYR A 50 -14.50 3.89 -9.63
C TYR A 50 -14.39 3.90 -11.12
N THR A 51 -13.71 4.93 -11.65
CA THR A 51 -13.24 4.89 -13.04
C THR A 51 -11.85 4.31 -13.05
N THR A 52 -11.70 3.10 -13.58
CA THR A 52 -10.41 2.44 -13.53
C THR A 52 -9.69 2.52 -14.87
N THR A 53 -8.37 2.54 -14.81
CA THR A 53 -7.50 2.51 -15.95
C THR A 53 -6.45 1.44 -15.74
N LEU A 54 -6.25 0.60 -16.75
CA LEU A 54 -5.16 -0.33 -16.76
C LEU A 54 -4.03 0.28 -17.55
N GLN A 55 -2.95 0.65 -16.91
CA GLN A 55 -1.81 1.29 -17.55
C GLN A 55 -0.75 0.23 -17.84
N GLN A 56 -0.55 -0.05 -19.13
CA GLN A 56 0.36 -1.10 -19.53
C GLN A 56 1.77 -0.61 -19.79
N PHE A 57 2.78 -1.42 -19.46
CA PHE A 57 4.18 -1.09 -19.76
C PHE A 57 4.84 -2.41 -20.08
N THR A 58 6.04 -2.32 -20.62
CA THR A 58 6.83 -3.51 -20.89
C THR A 58 8.16 -3.41 -20.16
N SER A 59 8.47 -4.49 -19.47
CA SER A 59 9.74 -4.44 -18.78
C SER A 59 10.29 -5.83 -18.79
N GLY A 60 11.59 -6.01 -19.07
CA GLY A 60 12.11 -7.36 -19.00
C GLY A 60 11.44 -8.18 -20.11
N GLY A 61 11.01 -7.61 -21.21
CA GLY A 61 10.35 -8.38 -22.27
C GLY A 61 8.96 -8.83 -21.98
N ALA A 62 8.37 -8.40 -20.86
CA ALA A 62 7.07 -8.88 -20.44
C ALA A 62 6.13 -7.72 -20.13
N THR A 63 4.86 -7.92 -20.44
CA THR A 63 3.90 -6.87 -20.14
C THR A 63 3.63 -6.75 -18.64
N GLY A 64 3.69 -5.51 -18.14
CA GLY A 64 3.30 -5.21 -16.79
C GLY A 64 2.12 -4.28 -16.81
N TYR A 65 1.56 -4.09 -15.61
CA TYR A 65 0.35 -3.25 -15.48
C TYR A 65 0.40 -2.50 -14.16
N ASN A 66 -0.06 -1.25 -14.22
CA ASN A 66 -0.48 -0.51 -13.05
C ASN A 66 -2.03 -0.41 -13.14
N LEU A 67 -2.68 -0.47 -12.00
CA LEU A 67 -4.14 -0.26 -11.98
C LEU A 67 -4.37 1.08 -11.27
N ILE A 68 -5.04 2.02 -11.96
CA ILE A 68 -5.33 3.35 -11.45
C ILE A 68 -6.85 3.45 -11.26
N ALA A 69 -7.28 3.97 -10.12
CA ALA A 69 -8.72 4.02 -9.87
C ALA A 69 -9.06 5.42 -9.35
N ASN A 70 -9.83 6.17 -10.16
CA ASN A 70 -10.22 7.54 -9.88
C ASN A 70 -11.62 7.56 -9.35
N TRP A 71 -11.79 8.19 -8.18
CA TRP A 71 -13.14 8.32 -7.59
C TRP A 71 -13.80 9.52 -8.23
N PRO A 72 -14.88 9.37 -9.00
CA PRO A 72 -15.39 10.57 -9.73
C PRO A 72 -15.72 11.71 -8.80
N GLY A 73 -15.37 12.91 -9.23
CA GLY A 73 -15.69 14.10 -8.43
C GLY A 73 -14.44 14.71 -7.83
N GLY A 74 -14.69 15.78 -7.05
CA GLY A 74 -13.61 16.44 -6.35
C GLY A 74 -12.83 17.40 -7.21
N ASP A 75 -12.00 18.22 -6.57
CA ASP A 75 -11.32 19.31 -7.29
C ASP A 75 -10.28 18.73 -8.22
N PRO A 76 -10.38 18.89 -9.52
CA PRO A 76 -9.36 18.27 -10.39
C PRO A 76 -7.99 18.85 -10.16
N ASN A 77 -7.92 20.01 -9.55
CA ASN A 77 -6.62 20.66 -9.35
C ASN A 77 -5.92 20.25 -8.06
N LYS A 78 -6.57 19.44 -7.25
CA LYS A 78 -6.04 18.99 -5.96
C LYS A 78 -6.35 17.50 -5.82
N VAL A 79 -5.40 16.67 -6.24
CA VAL A 79 -5.60 15.24 -6.32
C VAL A 79 -4.81 14.57 -5.18
N LEU A 80 -5.44 13.76 -4.36
CA LEU A 80 -4.73 12.99 -3.35
C LEU A 80 -4.66 11.56 -3.82
N MET A 81 -3.43 11.01 -3.86
CA MET A 81 -3.22 9.66 -4.26
C MET A 81 -2.79 8.77 -3.13
N ALA A 82 -3.16 7.52 -3.19
CA ALA A 82 -2.67 6.51 -2.27
C ALA A 82 -2.40 5.25 -3.09
N GLY A 83 -1.37 4.50 -2.71
CA GLY A 83 -1.05 3.34 -3.51
C GLY A 83 -0.20 2.33 -2.75
N ALA A 84 0.01 1.22 -3.49
CA ALA A 84 0.62 0.02 -2.91
C ALA A 84 1.03 -0.84 -4.09
N HIS A 85 2.24 -1.41 -4.05
CA HIS A 85 2.54 -2.34 -5.16
C HIS A 85 1.82 -3.66 -4.96
N LEU A 86 1.39 -4.19 -6.11
CA LEU A 86 0.53 -5.40 -6.13
C LEU A 86 1.32 -6.61 -6.59
N ASP A 87 2.58 -6.44 -6.99
CA ASP A 87 3.36 -7.62 -7.39
C ASP A 87 4.04 -8.22 -6.17
N SER A 88 4.36 -9.50 -6.26
CA SER A 88 5.24 -10.21 -5.34
C SER A 88 6.55 -10.56 -6.03
N VAL A 89 7.55 -10.95 -5.22
CA VAL A 89 8.67 -11.71 -5.80
C VAL A 89 8.17 -13.07 -6.28
N SER A 90 8.98 -13.74 -7.08
CA SER A 90 8.48 -15.05 -7.58
C SER A 90 8.64 -16.20 -6.62
N SER A 91 9.25 -16.01 -5.45
CA SER A 91 9.38 -17.13 -4.56
C SER A 91 8.08 -17.44 -3.81
N GLY A 92 7.12 -16.54 -3.77
CA GLY A 92 5.90 -16.83 -2.96
C GLY A 92 4.81 -15.86 -3.29
N ALA A 93 3.78 -15.94 -2.44
CA ALA A 93 2.55 -15.20 -2.67
C ALA A 93 2.65 -13.74 -2.29
N GLY A 94 3.67 -13.31 -1.58
CA GLY A 94 3.79 -11.90 -1.23
C GLY A 94 2.59 -11.39 -0.44
N ILE A 95 2.19 -12.12 0.60
CA ILE A 95 1.01 -11.68 1.36
C ILE A 95 1.33 -10.47 2.22
N ASN A 96 2.39 -10.47 3.02
CA ASN A 96 2.77 -9.22 3.69
C ASN A 96 3.40 -8.27 2.69
N ASP A 97 4.28 -8.76 1.81
CA ASP A 97 4.95 -7.90 0.84
C ASP A 97 4.42 -8.22 -0.55
N ASN A 98 3.42 -7.54 -1.06
CA ASN A 98 2.69 -6.44 -0.45
C ASN A 98 1.18 -6.62 -0.63
N GLY A 99 0.72 -7.82 -0.42
CA GLY A 99 -0.71 -8.01 -0.28
C GLY A 99 -1.25 -7.10 0.80
N SER A 100 -0.52 -6.95 1.92
CA SER A 100 -1.03 -6.17 3.05
C SER A 100 -1.34 -4.74 2.62
N GLY A 101 -0.42 -4.03 1.99
CA GLY A 101 -0.69 -2.67 1.59
C GLY A 101 -1.74 -2.63 0.51
N SER A 102 -1.70 -3.57 -0.45
CA SER A 102 -2.67 -3.59 -1.54
C SER A 102 -4.09 -3.74 -1.02
N ALA A 103 -4.27 -4.64 -0.01
CA ALA A 103 -5.57 -4.91 0.56
C ALA A 103 -6.07 -3.74 1.37
N ALA A 104 -5.21 -3.06 2.12
CA ALA A 104 -5.64 -1.90 2.91
C ALA A 104 -6.07 -0.78 1.99
N VAL A 105 -5.30 -0.55 0.90
CA VAL A 105 -5.68 0.54 -0.02
C VAL A 105 -6.98 0.17 -0.71
N LEU A 106 -7.13 -1.09 -1.16
CA LEU A 106 -8.39 -1.49 -1.77
C LEU A 106 -9.55 -1.31 -0.79
N GLU A 107 -9.40 -1.76 0.46
CA GLU A 107 -10.56 -1.68 1.36
C GLU A 107 -10.86 -0.21 1.68
N THR A 108 -9.85 0.63 1.76
CA THR A 108 -10.12 2.07 1.94
C THR A 108 -10.89 2.63 0.74
N ALA A 109 -10.49 2.27 -0.46
CA ALA A 109 -11.20 2.73 -1.66
C ALA A 109 -12.66 2.26 -1.60
N LEU A 110 -12.88 1.01 -1.19
CA LEU A 110 -14.26 0.50 -1.11
C LEU A 110 -15.00 1.25 -0.02
N ALA A 111 -14.36 1.57 1.08
CA ALA A 111 -14.94 2.32 2.17
C ALA A 111 -15.41 3.68 1.74
N VAL A 112 -14.69 4.35 0.88
CA VAL A 112 -15.14 5.66 0.38
C VAL A 112 -16.50 5.51 -0.26
N SER A 113 -16.67 4.49 -1.13
CA SER A 113 -17.95 4.26 -1.79
C SER A 113 -19.05 3.89 -0.81
N ARG A 114 -18.76 3.00 0.15
CA ARG A 114 -19.74 2.58 1.14
C ARG A 114 -20.25 3.72 2.02
N ALA A 115 -19.37 4.67 2.27
CA ALA A 115 -19.69 5.80 3.12
C ALA A 115 -20.36 6.93 2.34
N GLY A 116 -20.43 6.79 1.00
CA GLY A 116 -21.00 7.89 0.24
C GLY A 116 -20.16 9.14 0.39
N TYR A 117 -18.84 9.01 0.49
CA TYR A 117 -17.97 10.17 0.73
C TYR A 117 -17.74 10.94 -0.57
N GLN A 118 -17.79 12.26 -0.45
CA GLN A 118 -17.48 13.22 -1.53
C GLN A 118 -16.31 14.06 -1.07
N PRO A 119 -15.07 13.60 -1.24
CA PRO A 119 -13.94 14.37 -0.77
C PRO A 119 -13.83 15.69 -1.55
N ASP A 120 -13.34 16.72 -0.90
CA ASP A 120 -13.06 17.97 -1.58
C ASP A 120 -11.98 17.81 -2.65
N LYS A 121 -10.91 17.07 -2.28
CA LYS A 121 -9.87 16.74 -3.26
C LYS A 121 -10.29 15.52 -4.05
N HIS A 122 -9.95 15.47 -5.34
CA HIS A 122 -10.17 14.24 -6.10
C HIS A 122 -9.28 13.13 -5.59
N LEU A 123 -9.84 11.94 -5.37
CA LEU A 123 -9.07 10.80 -4.93
C LEU A 123 -8.71 9.88 -6.06
N ARG A 124 -7.46 9.44 -6.02
CA ARG A 124 -6.98 8.48 -7.04
C ARG A 124 -6.15 7.44 -6.28
N PHE A 125 -6.49 6.18 -6.48
CA PHE A 125 -5.76 5.08 -5.88
C PHE A 125 -4.96 4.34 -6.96
N ALA A 126 -3.87 3.70 -6.54
CA ALA A 126 -3.03 3.00 -7.49
C ALA A 126 -2.45 1.72 -6.92
N TRP A 127 -2.40 0.70 -7.77
CA TRP A 127 -1.76 -0.56 -7.49
C TRP A 127 -0.67 -0.74 -8.54
N TRP A 128 0.58 -0.72 -8.05
CA TRP A 128 1.72 -0.68 -8.97
C TRP A 128 2.21 -2.08 -9.32
N GLY A 129 2.56 -2.23 -10.60
CA GLY A 129 3.25 -3.43 -11.06
C GLY A 129 4.76 -3.29 -10.93
N ALA A 130 5.40 -4.46 -10.89
CA ALA A 130 6.87 -4.53 -11.06
C ALA A 130 7.62 -3.69 -10.08
N GLU A 131 7.12 -3.50 -8.86
CA GLU A 131 7.95 -2.81 -7.88
C GLU A 131 9.17 -3.65 -7.57
N GLU A 132 9.07 -4.97 -7.58
CA GLU A 132 10.18 -5.82 -7.17
C GLU A 132 11.28 -5.81 -8.23
N LEU A 133 11.01 -5.28 -9.43
CA LEU A 133 12.05 -5.17 -10.45
C LEU A 133 12.80 -3.88 -10.33
N GLY A 134 12.43 -3.00 -9.40
CA GLY A 134 13.06 -1.71 -9.24
C GLY A 134 12.10 -0.55 -9.42
N LEU A 135 10.95 -0.61 -8.79
CA LEU A 135 9.97 0.47 -8.85
C LEU A 135 9.51 0.73 -10.27
N ILE A 136 9.47 -0.30 -11.14
CA ILE A 136 9.31 -0.01 -12.57
C ILE A 136 7.93 0.56 -12.86
N GLY A 137 6.88 0.04 -12.23
CA GLY A 137 5.52 0.52 -12.49
C GLY A 137 5.31 1.93 -11.99
N SER A 138 5.73 2.26 -10.76
CA SER A 138 5.53 3.64 -10.26
C SER A 138 6.41 4.61 -11.03
N LYS A 139 7.62 4.19 -11.41
CA LYS A 139 8.45 5.10 -12.24
C LYS A 139 7.73 5.32 -13.55
N PHE A 140 7.15 4.26 -14.13
CA PHE A 140 6.44 4.41 -15.41
C PHE A 140 5.32 5.42 -15.25
N TYR A 141 4.55 5.29 -14.16
CA TYR A 141 3.45 6.22 -13.97
C TYR A 141 3.92 7.66 -13.85
N VAL A 142 4.93 7.91 -13.00
CA VAL A 142 5.41 9.28 -12.83
C VAL A 142 6.01 9.80 -14.12
N ASN A 143 6.78 8.95 -14.82
CA ASN A 143 7.44 9.37 -16.05
C ASN A 143 6.43 9.71 -17.16
N ASN A 144 5.23 9.12 -17.08
CA ASN A 144 4.20 9.33 -18.10
C ASN A 144 3.08 10.24 -17.64
N LEU A 145 3.20 10.80 -16.45
CA LEU A 145 2.22 11.74 -15.93
C LEU A 145 2.64 13.11 -16.40
N PRO A 146 1.89 13.83 -17.23
CA PRO A 146 2.33 15.14 -17.73
C PRO A 146 2.61 16.08 -16.57
N SER A 147 3.50 17.04 -16.77
CA SER A 147 3.82 17.96 -15.72
C SER A 147 2.56 18.71 -15.25
N ALA A 148 1.61 19.01 -16.12
CA ALA A 148 0.41 19.69 -15.68
C ALA A 148 -0.38 18.88 -14.67
N ASP A 149 -0.37 17.56 -14.82
CA ASP A 149 -1.05 16.67 -13.85
C ASP A 149 -0.22 16.46 -12.63
N ARG A 150 1.10 16.37 -12.77
CA ARG A 150 1.95 16.24 -11.58
C ARG A 150 1.73 17.40 -10.60
N SER A 151 1.54 18.59 -11.14
CA SER A 151 1.38 19.74 -10.26
C SER A 151 0.05 19.74 -9.56
N LYS A 152 -0.92 18.97 -10.03
CA LYS A 152 -2.21 18.82 -9.38
C LYS A 152 -2.16 17.84 -8.22
N LEU A 153 -1.07 17.10 -8.03
CA LEU A 153 -0.98 16.14 -6.93
C LEU A 153 -0.71 16.82 -5.62
N ALA A 154 -1.66 16.69 -4.69
CA ALA A 154 -1.54 17.20 -3.35
C ALA A 154 -0.70 16.25 -2.50
N GLY A 155 -0.61 14.99 -2.83
CA GLY A 155 0.18 14.05 -2.04
C GLY A 155 0.06 12.67 -2.62
N TYR A 156 1.03 11.85 -2.23
CA TYR A 156 1.01 10.40 -2.55
C TYR A 156 1.32 9.68 -1.23
N LEU A 157 0.42 8.80 -0.84
CA LEU A 157 0.53 7.98 0.36
C LEU A 157 0.88 6.56 -0.01
N ASN A 158 1.91 5.97 0.57
CA ASN A 158 2.38 4.65 0.17
C ASN A 158 2.23 3.64 1.31
N PHE A 159 1.80 2.45 0.95
CA PHE A 159 1.59 1.39 1.94
C PHE A 159 2.27 0.12 1.38
N ASP A 160 3.43 -0.20 1.91
CA ASP A 160 4.26 -1.33 1.45
C ASP A 160 4.81 -2.09 2.65
N MET A 161 4.17 -3.22 2.98
CA MET A 161 4.45 -4.08 4.13
C MET A 161 3.92 -3.44 5.39
N ILE A 162 2.66 -3.76 5.72
CA ILE A 162 1.99 -3.15 6.88
C ILE A 162 1.38 -4.20 7.79
N GLY A 163 1.68 -5.46 7.59
CA GLY A 163 1.21 -6.55 8.42
C GLY A 163 2.30 -7.45 8.96
N SER A 164 3.51 -6.91 9.15
CA SER A 164 4.62 -7.80 9.52
C SER A 164 4.35 -8.56 10.80
N PRO A 165 4.60 -9.86 10.88
CA PRO A 165 4.26 -10.62 12.10
C PRO A 165 4.93 -10.21 13.37
N ASN A 166 6.07 -9.58 13.33
CA ASN A 166 6.78 -9.08 14.52
C ASN A 166 6.97 -7.58 14.38
N PRO A 167 5.86 -6.86 14.37
CA PRO A 167 5.88 -5.53 13.72
C PRO A 167 6.52 -4.45 14.55
N GLY A 168 7.08 -3.47 13.83
CA GLY A 168 7.17 -2.14 14.32
C GLY A 168 6.14 -1.24 13.68
N TYR A 169 6.02 -0.01 14.20
CA TYR A 169 5.09 0.92 13.63
C TYR A 169 5.86 2.12 13.15
N PHE A 170 6.20 2.07 11.85
CA PHE A 170 7.06 3.10 11.26
C PHE A 170 6.21 4.01 10.36
N VAL A 171 6.47 5.28 10.45
CA VAL A 171 5.80 6.31 9.68
C VAL A 171 6.88 7.07 8.89
N TYR A 172 6.67 7.24 7.59
CA TYR A 172 7.68 7.95 6.79
C TYR A 172 7.87 9.37 7.32
N ASP A 173 9.10 9.85 7.35
CA ASP A 173 9.39 11.21 7.77
C ASP A 173 9.63 12.07 6.54
N ASP A 174 8.57 12.24 5.78
CA ASP A 174 8.62 13.03 4.56
C ASP A 174 7.74 14.26 4.67
N ASP A 175 6.72 14.47 3.88
CA ASP A 175 5.91 15.67 4.02
C ASP A 175 5.37 15.86 5.44
N PRO A 176 5.49 17.06 6.00
CA PRO A 176 5.15 17.19 7.43
C PRO A 176 3.67 17.01 7.70
N VAL A 177 2.79 17.47 6.82
CA VAL A 177 1.39 17.39 7.07
C VAL A 177 0.94 15.92 7.00
N ILE A 178 1.43 15.21 5.97
CA ILE A 178 1.08 13.78 5.89
C ILE A 178 1.61 13.04 7.09
N GLU A 179 2.85 13.24 7.50
CA GLU A 179 3.44 12.52 8.65
C GLU A 179 2.66 12.81 9.93
N LYS A 180 2.30 14.09 10.14
CA LYS A 180 1.53 14.45 11.32
C LYS A 180 0.19 13.74 11.35
N THR A 181 -0.41 13.62 10.18
CA THR A 181 -1.74 12.94 10.17
C THR A 181 -1.60 11.50 10.57
N PHE A 182 -0.57 10.80 10.07
CA PHE A 182 -0.43 9.39 10.52
C PHE A 182 -0.10 9.33 11.98
N LYS A 183 0.85 10.15 12.43
CA LYS A 183 1.22 10.06 13.84
C LYS A 183 0.08 10.48 14.74
N ASN A 184 -0.82 11.38 14.33
CA ASN A 184 -1.98 11.69 15.16
C ASN A 184 -2.87 10.45 15.33
N TYR A 185 -3.04 9.65 14.29
CA TYR A 185 -3.91 8.47 14.40
C TYR A 185 -3.33 7.52 15.43
N PHE A 186 -2.04 7.23 15.35
CA PHE A 186 -1.41 6.30 16.27
C PHE A 186 -1.43 6.89 17.68
N ALA A 187 -1.31 8.19 17.87
CA ALA A 187 -1.37 8.78 19.20
C ALA A 187 -2.71 8.51 19.79
N GLY A 188 -3.80 8.53 19.03
CA GLY A 188 -5.12 8.21 19.55
C GLY A 188 -5.27 6.78 20.03
N LEU A 189 -4.38 5.92 19.47
CA LEU A 189 -4.37 4.56 19.96
C LEU A 189 -3.41 4.30 21.11
N ASN A 190 -2.64 5.33 21.48
CA ASN A 190 -1.54 5.20 22.42
C ASN A 190 -0.52 4.18 21.94
N VAL A 191 -0.24 4.18 20.64
CA VAL A 191 0.82 3.29 20.07
C VAL A 191 1.92 4.18 19.58
N PRO A 192 3.14 4.08 20.14
CA PRO A 192 4.19 4.96 19.64
C PRO A 192 4.64 4.55 18.22
N THR A 193 5.24 5.49 17.51
CA THR A 193 5.72 5.21 16.15
C THR A 193 7.21 5.61 16.11
N GLU A 194 7.90 5.11 15.10
CA GLU A 194 9.26 5.55 14.85
C GLU A 194 9.39 5.96 13.37
N ILE A 195 10.41 6.79 13.13
CA ILE A 195 10.69 7.19 11.77
C ILE A 195 11.08 5.99 10.97
N GLU A 196 10.56 5.97 9.74
CA GLU A 196 10.98 4.89 8.83
C GLU A 196 12.44 5.14 8.41
N THR A 197 13.32 4.18 8.63
CA THR A 197 14.65 4.27 8.04
C THR A 197 15.05 3.00 7.30
N GLU A 198 14.48 1.83 7.63
CA GLU A 198 14.92 0.55 7.05
C GLU A 198 14.75 0.55 5.55
N GLY A 199 13.55 0.98 5.09
CA GLY A 199 13.40 0.90 3.64
C GLY A 199 13.75 2.15 2.89
N ASP A 200 13.80 3.32 3.55
CA ASP A 200 14.11 4.55 2.88
C ASP A 200 13.24 4.87 1.65
N GLY A 201 13.97 5.12 0.56
CA GLY A 201 13.53 5.34 -0.82
C GLY A 201 13.19 4.03 -1.53
N ARG A 202 13.26 2.86 -0.89
CA ARG A 202 13.08 1.64 -1.69
C ARG A 202 11.64 1.22 -1.82
N SER A 203 10.73 2.13 -2.18
CA SER A 203 9.38 1.73 -2.50
C SER A 203 8.78 2.81 -3.41
N ASP A 204 7.50 2.64 -3.75
CA ASP A 204 6.88 3.38 -4.82
C ASP A 204 6.61 4.85 -4.53
N HIS A 205 6.82 5.32 -3.30
CA HIS A 205 6.80 6.75 -3.06
C HIS A 205 8.01 7.45 -3.70
N ALA A 206 9.12 6.73 -3.94
CA ALA A 206 10.33 7.44 -4.38
C ALA A 206 10.15 8.19 -5.68
N PRO A 207 9.54 7.64 -6.72
CA PRO A 207 9.42 8.42 -7.95
C PRO A 207 8.60 9.68 -7.77
N PHE A 208 7.61 9.64 -6.87
CA PHE A 208 6.82 10.84 -6.58
C PHE A 208 7.63 11.85 -5.79
N LYS A 209 8.29 11.39 -4.70
CA LYS A 209 9.08 12.27 -3.86
C LYS A 209 10.11 13.01 -4.71
N ASN A 210 10.71 12.25 -5.65
CA ASN A 210 11.85 12.80 -6.41
C ASN A 210 11.44 13.87 -7.39
N VAL A 211 10.14 13.97 -7.70
CA VAL A 211 9.64 15.07 -8.53
C VAL A 211 8.83 16.07 -7.72
N GLY A 212 9.00 16.08 -6.38
CA GLY A 212 8.45 17.17 -5.58
C GLY A 212 7.01 16.96 -5.15
N VAL A 213 6.44 15.78 -5.36
CA VAL A 213 5.09 15.53 -4.85
C VAL A 213 5.21 15.22 -3.36
N PRO A 214 4.43 15.83 -2.48
CA PRO A 214 4.50 15.45 -1.07
C PRO A 214 4.19 13.98 -0.90
N VAL A 215 4.96 13.26 -0.08
CA VAL A 215 4.66 11.85 0.14
C VAL A 215 4.68 11.52 1.64
N GLY A 216 4.11 10.35 1.93
CA GLY A 216 4.26 9.76 3.26
C GLY A 216 3.83 8.32 3.17
N GLY A 217 3.81 7.65 4.31
CA GLY A 217 3.44 6.22 4.27
C GLY A 217 3.71 5.55 5.61
N LEU A 218 3.32 4.27 5.63
CA LEU A 218 3.37 3.39 6.79
C LEU A 218 4.16 2.13 6.44
N PHE A 219 4.85 1.56 7.40
CA PHE A 219 5.67 0.35 7.22
C PHE A 219 5.81 -0.37 8.56
N THR A 220 5.78 -1.70 8.55
CA THR A 220 5.96 -2.44 9.80
C THR A 220 7.24 -3.23 9.91
N GLY A 221 8.16 -3.05 8.97
CA GLY A 221 9.49 -3.64 9.07
C GLY A 221 9.61 -4.89 8.19
N ALA A 222 10.85 -5.15 7.79
CA ALA A 222 11.16 -6.24 6.85
C ALA A 222 12.22 -7.13 7.47
N GLY A 223 13.38 -7.28 6.79
CA GLY A 223 14.37 -8.21 7.27
C GLY A 223 15.22 -7.75 8.43
N TYR A 224 15.20 -6.47 8.81
CA TYR A 224 15.99 -6.01 9.95
C TYR A 224 15.43 -6.67 11.20
N THR A 225 16.29 -6.74 12.21
CA THR A 225 15.91 -7.38 13.47
C THR A 225 15.29 -6.36 14.40
N LYS A 226 14.22 -6.76 15.08
CA LYS A 226 13.57 -5.92 16.10
C LYS A 226 14.52 -5.80 17.28
N SER A 227 14.78 -4.58 17.76
CA SER A 227 15.69 -4.41 18.89
C SER A 227 14.95 -4.69 20.21
N ALA A 228 15.73 -4.81 21.28
CA ALA A 228 15.17 -4.89 22.64
C ALA A 228 14.25 -3.70 22.92
N ALA A 229 14.68 -2.47 22.56
CA ALA A 229 13.85 -1.30 22.83
C ALA A 229 12.56 -1.32 22.05
N GLN A 230 12.62 -1.79 20.82
CA GLN A 230 11.40 -1.88 19.98
C GLN A 230 10.45 -2.95 20.52
N ALA A 231 11.00 -4.11 20.98
CA ALA A 231 10.10 -5.10 21.60
C ALA A 231 9.49 -4.57 22.88
N GLN A 232 10.20 -3.74 23.65
CA GLN A 232 9.62 -3.16 24.86
C GLN A 232 8.48 -2.23 24.49
N LYS A 233 8.61 -1.48 23.38
CA LYS A 233 7.52 -0.52 23.15
C LYS A 233 6.37 -1.16 22.39
N TRP A 234 6.57 -2.21 21.61
CA TRP A 234 5.55 -2.74 20.70
C TRP A 234 5.17 -4.16 20.98
N GLY A 235 5.92 -4.86 21.86
CA GLY A 235 5.78 -6.28 22.00
C GLY A 235 6.48 -7.04 20.89
N GLY A 236 6.23 -8.36 20.81
CA GLY A 236 6.85 -9.26 19.87
C GLY A 236 8.15 -9.84 20.34
N THR A 237 9.12 -10.05 19.47
CA THR A 237 10.32 -10.83 19.77
C THR A 237 11.58 -10.04 19.41
N ALA A 238 12.28 -9.57 20.44
CA ALA A 238 13.57 -8.94 20.18
C ALA A 238 14.51 -9.95 19.54
N GLY A 239 15.32 -9.52 18.60
CA GLY A 239 16.30 -10.39 17.99
C GLY A 239 15.77 -11.17 16.80
N GLN A 240 14.49 -11.04 16.48
CA GLN A 240 13.94 -11.69 15.28
C GLN A 240 13.59 -10.60 14.28
N ALA A 241 13.65 -10.92 13.01
CA ALA A 241 13.26 -9.99 11.98
C ALA A 241 11.82 -9.53 12.19
N PHE A 242 11.53 -8.31 11.77
CA PHE A 242 10.13 -7.87 11.71
C PHE A 242 9.29 -8.82 10.85
N ASP A 243 9.89 -9.22 9.70
CA ASP A 243 9.28 -10.18 8.79
C ASP A 243 10.31 -11.26 8.49
N ARG A 244 10.14 -12.43 9.17
CA ARG A 244 10.99 -13.59 8.99
C ARG A 244 10.81 -14.27 7.65
N CYS A 245 9.80 -13.85 6.89
CA CYS A 245 9.46 -14.47 5.62
C CYS A 245 9.55 -13.45 4.49
N TYR A 246 10.30 -12.37 4.70
CA TYR A 246 10.52 -11.36 3.68
C TYR A 246 11.03 -12.01 2.41
N HIS A 247 10.32 -11.77 1.31
CA HIS A 247 10.71 -12.25 -0.02
C HIS A 247 10.81 -13.77 -0.09
N SER A 248 10.11 -14.46 0.79
CA SER A 248 10.26 -15.91 0.92
C SER A 248 9.00 -16.63 0.53
N SER A 249 9.12 -17.96 0.36
CA SER A 249 7.91 -18.74 0.06
C SER A 249 6.96 -18.74 1.25
N CYS A 250 7.48 -18.47 2.45
CA CYS A 250 6.59 -18.44 3.63
C CYS A 250 5.93 -17.10 3.83
N ASP A 251 5.99 -16.16 2.86
CA ASP A 251 5.20 -14.94 2.94
C ASP A 251 3.78 -15.23 2.46
N SER A 252 3.09 -16.00 3.31
CA SER A 252 1.78 -16.58 3.10
C SER A 252 0.74 -15.95 4.00
N LEU A 253 -0.48 -16.52 4.02
CA LEU A 253 -1.48 -15.99 4.95
C LEU A 253 -1.03 -16.11 6.38
N SER A 254 -0.10 -17.04 6.71
CA SER A 254 0.37 -17.09 8.10
C SER A 254 1.34 -15.99 8.44
N ASN A 255 1.79 -15.21 7.51
CA ASN A 255 2.80 -14.20 7.71
C ASN A 255 2.18 -12.81 7.90
N ILE A 256 1.17 -12.73 8.72
CA ILE A 256 0.50 -11.45 9.01
C ILE A 256 0.24 -11.34 10.50
N ASN A 257 0.54 -10.17 11.08
CA ASN A 257 0.07 -9.79 12.40
C ASN A 257 -1.23 -9.02 12.21
N ASP A 258 -2.34 -9.58 12.70
CA ASP A 258 -3.64 -8.97 12.51
C ASP A 258 -3.72 -7.60 13.14
N THR A 259 -3.16 -7.39 14.31
CA THR A 259 -3.25 -6.07 14.96
C THR A 259 -2.56 -5.01 14.12
N ALA A 260 -1.37 -5.31 13.59
CA ALA A 260 -0.69 -4.31 12.77
C ALA A 260 -1.47 -4.05 11.49
N LEU A 261 -2.01 -5.11 10.88
CA LEU A 261 -2.74 -4.92 9.63
C LEU A 261 -3.96 -4.04 9.89
N ASP A 262 -4.62 -4.29 11.03
CA ASP A 262 -5.83 -3.50 11.37
C ASP A 262 -5.46 -2.05 11.63
N ARG A 263 -4.49 -1.81 12.49
CA ARG A 263 -4.10 -0.45 12.85
C ARG A 263 -3.66 0.34 11.59
N ASN A 264 -2.85 -0.29 10.75
CA ASN A 264 -2.35 0.46 9.58
C ASN A 264 -3.43 0.63 8.53
N SER A 265 -4.38 -0.32 8.40
CA SER A 265 -5.48 -0.08 7.48
C SER A 265 -6.36 1.09 7.95
N ASP A 266 -6.63 1.10 9.27
CA ASP A 266 -7.42 2.17 9.84
C ASP A 266 -6.72 3.52 9.73
N ALA A 267 -5.40 3.51 9.91
CA ALA A 267 -4.62 4.76 9.78
C ALA A 267 -4.62 5.22 8.35
N ALA A 268 -4.56 4.29 7.39
CA ALA A 268 -4.62 4.66 5.95
C ALA A 268 -5.93 5.38 5.70
N ALA A 269 -7.05 4.85 6.14
CA ALA A 269 -8.36 5.51 5.92
C ALA A 269 -8.42 6.83 6.64
N HIS A 270 -7.90 6.93 7.87
CA HIS A 270 -7.91 8.19 8.61
C HIS A 270 -7.18 9.25 7.83
N ALA A 271 -5.97 8.89 7.33
CA ALA A 271 -5.19 9.90 6.59
C ALA A 271 -5.88 10.29 5.29
N ILE A 272 -6.42 9.30 4.56
CA ILE A 272 -7.07 9.62 3.28
C ILE A 272 -8.24 10.56 3.49
N TRP A 273 -9.05 10.34 4.51
CA TRP A 273 -10.17 11.24 4.81
C TRP A 273 -9.62 12.61 5.21
N THR A 274 -8.71 12.67 6.15
CA THR A 274 -8.28 13.98 6.68
C THR A 274 -7.61 14.79 5.59
N LEU A 275 -6.78 14.15 4.77
CA LEU A 275 -6.01 14.90 3.76
C LEU A 275 -6.83 15.21 2.52
N SER A 276 -8.03 14.69 2.38
CA SER A 276 -8.83 14.99 1.19
C SER A 276 -9.96 15.97 1.44
N SER A 277 -10.06 16.44 2.66
CA SER A 277 -10.95 17.53 3.03
C SER A 277 -10.22 18.85 2.87
ZN ZN B . 7.07 -4.27 -0.97
ZN ZN C . 9.60 -6.73 -1.72
CA CA D . -10.32 -1.61 11.88
N MED E . 8.68 -3.87 0.16
N MED E . 9.96 -2.29 -0.03
CA MED E . 10.11 -4.02 0.13
CA MED E . 10.20 -2.55 1.41
C MED E . 10.12 -4.73 -1.22
C MED E . 11.44 -3.42 1.54
O MED E . 9.00 -4.62 -1.77
O MED E . 11.88 -3.99 0.51
CB MED E . 10.84 -2.71 0.22
CB MED E . 10.38 -1.29 2.26
CG MED E . 10.93 -2.13 1.64
CG MED E . 9.19 -0.33 2.30
SD MED E . 10.60 -0.33 1.70
SD MED E . 9.33 1.08 3.42
CE MED E . 8.92 -0.41 2.33
CE MED E . 9.90 2.38 2.32
OXT MED E . 11.12 -5.25 -1.57
OXT MED E . 11.97 -3.51 2.66
#